data_3PKY
#
_entry.id   3PKY
#
_cell.length_a   145.711
_cell.length_b   145.711
_cell.length_c   44.960
_cell.angle_alpha   90.000
_cell.angle_beta   90.000
_cell.angle_gamma   90.000
#
_symmetry.space_group_name_H-M   'P 41'
#
loop_
_entity.id
_entity.type
_entity.pdbx_description
1 polymer 'Putative DNA ligase-like protein'
2 polymer "DNA 5'-D(P*GP*CP*GP*GP*C)-3'"
3 polymer "DNA 5'-D(*G*CP*CP*GP*CP*AP*AP*CP*GP*CP*AP*CP*G)-3'"
4 non-polymer "URIDINE 5'-TRIPHOSPHATE"
5 non-polymer 'MANGANESE (II) ION'
6 water water
#
loop_
_entity_poly.entity_id
_entity_poly.type
_entity_poly.pdbx_seq_one_letter_code
_entity_poly.pdbx_strand_id
1 'polypeptide(L)'
;GSHMGSASEQRVTLTNADKVLYPATGTTKSDIFDYYAGVAEVMLGHIAGRPATRKRWPNGVDQPAFFEKQLALSAPPWLS
RATVAHRSGTTTYPIIDSATGLAWIAQQAALEVHVPQWRFVAEPGSGELNPGPATRLVFDLDPGEGVMMAQLAEVARAVR
DLLADIGLVTFPVTSGSKGLHLYTPLDEPVSSRGATVLAKRVAQRLEQAMPALVTSTMTKSLRAGKVFVDWSQNSGSKTT
IAPYSLRGRTHPTVAAPRTWAELDDPALRQLSYDEVLTRIARDGDLLERLDADAPVADRLTRY
;
A,B
2 'polydeoxyribonucleotide' (DG)(DC)(DG)(DG)(DC) C
3 'polydeoxyribonucleotide' (DG)(DC)(DC)(DG)(DC)(DA)(DA)(DC)(DG)(DC)(DA)(DC)(DG) D
#
loop_
_chem_comp.id
_chem_comp.type
_chem_comp.name
_chem_comp.formula
DA DNA linking 2'-DEOXYADENOSINE-5'-MONOPHOSPHATE 'C10 H14 N5 O6 P'
DC DNA linking 2'-DEOXYCYTIDINE-5'-MONOPHOSPHATE 'C9 H14 N3 O7 P'
DG DNA linking 2'-DEOXYGUANOSINE-5'-MONOPHOSPHATE 'C10 H14 N5 O7 P'
MN non-polymer 'MANGANESE (II) ION' 'Mn 2'
UTP non-polymer 'URIDINE 5'-TRIPHOSPHATE' 'C9 H15 N2 O15 P3'
#
# COMPACT_ATOMS: atom_id res chain seq x y z
N GLU A 9 -14.09 5.24 -19.59
CA GLU A 9 -15.31 5.47 -18.77
C GLU A 9 -15.00 5.24 -17.28
N GLN A 10 -14.13 6.11 -16.75
CA GLN A 10 -13.56 6.00 -15.40
C GLN A 10 -14.56 6.09 -14.21
N ARG A 11 -14.82 4.96 -13.56
CA ARG A 11 -15.69 4.94 -12.39
C ARG A 11 -14.92 4.94 -11.05
N VAL A 12 -15.55 5.49 -10.01
CA VAL A 12 -15.06 5.36 -8.65
C VAL A 12 -16.21 4.94 -7.76
N THR A 13 -16.08 3.80 -7.11
CA THR A 13 -17.08 3.36 -6.15
C THR A 13 -16.77 3.91 -4.75
N LEU A 14 -17.70 4.70 -4.21
CA LEU A 14 -17.60 5.14 -2.83
C LEU A 14 -17.82 3.95 -1.93
N THR A 15 -16.94 3.75 -0.95
CA THR A 15 -17.14 2.71 0.04
C THR A 15 -17.09 3.33 1.43
N ASN A 16 -17.91 2.83 2.34
CA ASN A 16 -18.05 3.39 3.69
C ASN A 16 -18.65 4.81 3.74
N ALA A 17 -19.74 5.01 3.01
CA ALA A 17 -20.39 6.32 2.86
C ALA A 17 -20.60 7.04 4.19
N ASP A 18 -21.24 6.36 5.14
CA ASP A 18 -21.62 6.97 6.41
C ASP A 18 -20.50 6.97 7.44
N LYS A 19 -19.31 6.59 7.04
CA LYS A 19 -18.18 6.59 7.96
C LYS A 19 -17.76 8.02 8.32
N VAL A 20 -17.91 8.35 9.60
CA VAL A 20 -17.60 9.69 10.11
C VAL A 20 -16.09 9.91 10.15
N LEU A 21 -15.61 10.91 9.41
CA LEU A 21 -14.18 11.31 9.43
C LEU A 21 -13.88 12.53 10.29
N TYR A 22 -14.88 13.38 10.48
CA TYR A 22 -14.78 14.48 11.43
C TYR A 22 -15.81 14.23 12.53
N PRO A 23 -15.38 13.60 13.64
CA PRO A 23 -16.29 13.29 14.76
C PRO A 23 -17.00 14.53 15.32
N ALA A 24 -16.25 15.63 15.46
CA ALA A 24 -16.77 16.88 16.02
C ALA A 24 -18.01 17.40 15.31
N THR A 25 -18.07 17.22 13.99
CA THR A 25 -19.19 17.73 13.20
C THR A 25 -20.04 16.62 12.60
N GLY A 26 -19.53 15.40 12.68
CA GLY A 26 -20.23 14.23 12.15
C GLY A 26 -20.25 14.21 10.63
N THR A 27 -19.16 14.69 10.03
CA THR A 27 -19.05 14.70 8.57
C THR A 27 -18.55 13.35 8.06
N THR A 28 -19.41 12.70 7.28
CA THR A 28 -19.17 11.36 6.77
C THR A 28 -18.44 11.39 5.43
N LYS A 29 -17.88 10.26 5.03
CA LYS A 29 -17.22 10.14 3.73
C LYS A 29 -18.10 10.67 2.58
N SER A 30 -19.41 10.48 2.69
CA SER A 30 -20.32 10.89 1.61
C SER A 30 -20.43 12.41 1.47
N ASP A 31 -20.38 13.12 2.60
CA ASP A 31 -20.34 14.57 2.57
C ASP A 31 -19.12 15.00 1.78
N ILE A 32 -17.95 14.50 2.21
CA ILE A 32 -16.67 14.80 1.59
C ILE A 32 -16.69 14.48 0.11
N PHE A 33 -17.22 13.31 -0.26
CA PHE A 33 -17.35 12.96 -1.66
C PHE A 33 -18.13 14.04 -2.38
N ASP A 34 -19.30 14.38 -1.86
CA ASP A 34 -20.16 15.38 -2.48
C ASP A 34 -19.53 16.74 -2.53
N TYR A 35 -18.84 17.13 -1.46
CA TYR A 35 -18.10 18.38 -1.45
C TYR A 35 -17.18 18.45 -2.66
N TYR A 36 -16.26 17.49 -2.77
CA TYR A 36 -15.32 17.45 -3.89
C TYR A 36 -16.00 17.41 -5.25
N ALA A 37 -17.15 16.74 -5.33
CA ALA A 37 -17.97 16.79 -6.54
C ALA A 37 -18.44 18.22 -6.79
N GLY A 38 -18.80 18.93 -5.72
CA GLY A 38 -19.28 20.29 -5.83
C GLY A 38 -18.22 21.34 -6.13
N VAL A 39 -17.04 21.20 -5.54
CA VAL A 39 -15.97 22.17 -5.77
C VAL A 39 -15.16 21.84 -7.01
N ALA A 40 -15.53 20.76 -7.69
CA ALA A 40 -14.73 20.28 -8.80
C ALA A 40 -14.48 21.37 -9.84
N GLU A 41 -15.55 21.89 -10.46
CA GLU A 41 -15.36 22.85 -11.56
C GLU A 41 -14.46 24.03 -11.15
N VAL A 42 -14.65 24.58 -9.95
CA VAL A 42 -13.75 25.66 -9.50
C VAL A 42 -12.36 25.21 -9.05
N MET A 43 -12.25 24.03 -8.45
CA MET A 43 -10.97 23.58 -7.91
C MET A 43 -10.00 23.07 -8.96
N LEU A 44 -10.51 22.38 -9.96
CA LEU A 44 -9.68 21.61 -10.86
C LEU A 44 -8.58 22.37 -11.59
N GLY A 45 -8.86 23.61 -11.97
CA GLY A 45 -7.87 24.41 -12.72
C GLY A 45 -6.60 24.75 -11.97
N HIS A 46 -6.65 24.70 -10.65
CA HIS A 46 -5.51 25.13 -9.86
C HIS A 46 -4.60 23.97 -9.50
N ILE A 47 -5.05 22.76 -9.83
CA ILE A 47 -4.28 21.56 -9.55
C ILE A 47 -4.00 20.74 -10.80
N ALA A 48 -4.68 21.05 -11.90
CA ALA A 48 -4.43 20.37 -13.17
C ALA A 48 -2.95 20.50 -13.54
N GLY A 49 -2.40 19.43 -14.13
CA GLY A 49 -1.00 19.39 -14.56
C GLY A 49 0.01 19.42 -13.42
N ARG A 50 -0.47 19.35 -12.19
CA ARG A 50 0.39 19.43 -11.01
C ARG A 50 0.40 18.12 -10.24
N PRO A 51 1.57 17.77 -9.68
CA PRO A 51 1.70 16.52 -8.93
C PRO A 51 0.97 16.56 -7.61
N ALA A 52 -0.09 15.78 -7.49
CA ALA A 52 -0.92 15.78 -6.28
C ALA A 52 -0.32 14.99 -5.11
N THR A 53 0.12 15.71 -4.09
CA THR A 53 0.46 15.08 -2.83
C THR A 53 -0.81 15.01 -2.00
N ARG A 54 -1.04 13.85 -1.38
CA ARG A 54 -2.22 13.63 -0.56
C ARG A 54 -1.79 13.49 0.88
N LYS A 55 -2.57 14.06 1.79
CA LYS A 55 -2.43 13.71 3.20
C LYS A 55 -3.73 13.04 3.64
N ARG A 56 -3.61 11.77 4.06
CA ARG A 56 -4.77 10.89 4.19
C ARG A 56 -5.10 10.51 5.61
N TRP A 57 -6.41 10.47 5.88
CA TRP A 57 -6.95 10.17 7.19
C TRP A 57 -8.02 9.09 7.04
N PRO A 58 -7.62 7.84 6.70
CA PRO A 58 -8.61 6.83 6.35
C PRO A 58 -9.48 6.41 7.54
N ASN A 59 -9.14 6.91 8.72
CA ASN A 59 -9.88 6.58 9.92
C ASN A 59 -10.24 7.80 10.76
N GLY A 60 -10.51 8.91 10.06
CA GLY A 60 -10.93 10.15 10.70
C GLY A 60 -9.76 10.98 11.18
N VAL A 61 -10.05 12.20 11.61
CA VAL A 61 -9.01 13.14 12.04
C VAL A 61 -8.39 12.79 13.39
N ASP A 62 -8.98 11.83 14.10
CA ASP A 62 -8.46 11.36 15.39
C ASP A 62 -7.46 10.20 15.31
N GLN A 63 -7.53 9.42 14.23
CA GLN A 63 -6.55 8.37 13.95
C GLN A 63 -5.39 8.95 13.13
N PRO A 64 -4.20 8.31 13.20
CA PRO A 64 -3.00 8.92 12.60
C PRO A 64 -3.15 9.11 11.10
N ALA A 65 -2.40 10.05 10.55
CA ALA A 65 -2.42 10.33 9.12
C ALA A 65 -1.06 10.05 8.47
N PHE A 66 -1.05 10.07 7.14
CA PHE A 66 0.18 9.92 6.40
C PHE A 66 0.19 10.77 5.12
N PHE A 67 1.36 11.31 4.80
CA PHE A 67 1.56 11.88 3.46
C PHE A 67 1.79 10.77 2.46
N GLU A 68 1.26 10.94 1.27
CA GLU A 68 1.52 10.02 0.18
C GLU A 68 1.76 10.81 -1.11
N LYS A 69 2.96 10.64 -1.67
CA LYS A 69 3.37 11.30 -2.91
C LYS A 69 3.30 10.32 -4.06
N GLN A 70 4.02 9.20 -3.92
CA GLN A 70 4.01 8.12 -4.90
C GLN A 70 2.59 7.65 -5.17
N LEU A 71 2.30 7.35 -6.43
CA LEU A 71 1.01 6.76 -6.76
C LEU A 71 1.11 5.26 -6.57
N ALA A 72 0.25 4.70 -5.73
CA ALA A 72 0.27 3.26 -5.46
C ALA A 72 -0.05 2.41 -6.69
N LEU A 73 0.54 1.21 -6.74
CA LEU A 73 0.24 0.21 -7.76
C LEU A 73 -1.24 -0.11 -7.83
N SER A 74 -1.93 0.02 -6.69
CA SER A 74 -3.33 -0.39 -6.59
C SER A 74 -4.31 0.66 -7.10
N ALA A 75 -3.80 1.81 -7.53
CA ALA A 75 -4.64 2.94 -7.94
C ALA A 75 -5.06 2.85 -9.41
N PRO A 76 -6.25 3.38 -9.74
CA PRO A 76 -6.90 3.18 -11.04
C PRO A 76 -6.09 3.64 -12.26
N PRO A 77 -5.95 2.76 -13.29
CA PRO A 77 -5.06 2.98 -14.43
C PRO A 77 -5.35 4.28 -15.19
N TRP A 78 -6.56 4.80 -15.02
CA TRP A 78 -7.01 5.96 -15.77
C TRP A 78 -6.52 7.28 -15.19
N LEU A 79 -5.92 7.26 -14.00
CA LEU A 79 -5.31 8.46 -13.44
C LEU A 79 -4.13 8.94 -14.28
N SER A 80 -3.97 10.25 -14.35
CA SER A 80 -2.81 10.82 -15.01
C SER A 80 -1.65 10.76 -14.03
N ARG A 81 -0.44 10.75 -14.59
CA ARG A 81 0.74 10.51 -13.80
C ARG A 81 1.96 11.04 -14.54
N ALA A 82 2.82 11.72 -13.79
CA ALA A 82 4.15 12.03 -14.30
C ALA A 82 5.19 11.77 -13.22
N THR A 83 6.44 11.72 -13.65
CA THR A 83 7.55 11.30 -12.80
C THR A 83 8.49 12.45 -12.51
N VAL A 84 8.98 12.51 -11.28
CA VAL A 84 9.99 13.49 -10.87
C VAL A 84 11.22 12.74 -10.41
N ALA A 85 12.39 13.12 -10.92
CA ALA A 85 13.68 12.59 -10.42
C ALA A 85 14.23 13.51 -9.33
N HIS A 86 14.63 12.92 -8.21
CA HIS A 86 15.08 13.66 -7.03
C HIS A 86 16.25 12.91 -6.35
N ARG A 87 17.15 13.66 -5.70
CA ARG A 87 18.36 13.13 -5.04
C ARG A 87 18.60 11.65 -5.35
N SER A 88 18.19 10.80 -4.40
CA SER A 88 18.07 9.36 -4.62
C SER A 88 16.59 9.01 -4.74
N GLY A 89 16.28 8.21 -5.76
CA GLY A 89 14.93 7.76 -6.03
C GLY A 89 14.14 8.58 -7.05
N THR A 90 13.02 7.98 -7.48
CA THR A 90 12.15 8.58 -8.46
C THR A 90 10.71 8.45 -7.96
N THR A 91 9.88 9.45 -8.21
CA THR A 91 8.50 9.41 -7.74
C THR A 91 7.51 9.69 -8.87
N THR A 92 6.62 8.74 -9.11
CA THR A 92 5.51 8.96 -10.02
C THR A 92 4.28 9.47 -9.24
N TYR A 93 3.87 10.70 -9.54
CA TYR A 93 2.76 11.33 -8.87
C TYR A 93 1.50 11.18 -9.70
N PRO A 94 0.31 11.23 -9.05
CA PRO A 94 -0.92 11.37 -9.81
C PRO A 94 -1.16 12.82 -10.18
N ILE A 95 -1.81 13.03 -11.32
CA ILE A 95 -2.26 14.35 -11.70
C ILE A 95 -3.79 14.32 -11.74
N ILE A 96 -4.41 15.08 -10.82
CA ILE A 96 -5.86 15.21 -10.75
C ILE A 96 -6.38 16.28 -11.71
N ASP A 97 -7.22 15.91 -12.66
CA ASP A 97 -7.65 16.87 -13.67
C ASP A 97 -9.07 16.64 -14.20
N SER A 98 -9.86 15.88 -13.46
CA SER A 98 -11.26 15.66 -13.79
C SER A 98 -12.00 15.44 -12.49
N ALA A 99 -13.32 15.64 -12.48
CA ALA A 99 -14.10 15.47 -11.25
C ALA A 99 -13.91 14.07 -10.66
N THR A 100 -13.72 13.10 -11.55
CA THR A 100 -13.57 11.70 -11.15
C THR A 100 -12.27 11.52 -10.41
N GLY A 101 -11.22 12.22 -10.85
CA GLY A 101 -9.96 12.28 -10.11
C GLY A 101 -10.20 12.77 -8.68
N LEU A 102 -11.07 13.76 -8.53
CA LEU A 102 -11.38 14.26 -7.20
C LEU A 102 -12.20 13.23 -6.43
N ALA A 103 -13.10 12.55 -7.15
CA ALA A 103 -13.90 11.47 -6.58
C ALA A 103 -12.97 10.46 -5.91
N TRP A 104 -11.96 10.03 -6.68
CA TRP A 104 -10.91 9.15 -6.20
C TRP A 104 -10.26 9.70 -4.93
N ILE A 105 -9.84 10.97 -4.97
CA ILE A 105 -9.31 11.64 -3.78
C ILE A 105 -10.23 11.52 -2.55
N ALA A 106 -11.54 11.60 -2.75
CA ALA A 106 -12.47 11.51 -1.63
C ALA A 106 -12.57 10.08 -1.09
N GLN A 107 -12.82 9.12 -1.99
CA GLN A 107 -12.89 7.69 -1.67
C GLN A 107 -11.65 7.24 -0.91
N GLN A 108 -10.54 7.84 -1.29
CA GLN A 108 -9.25 7.60 -0.70
C GLN A 108 -9.08 8.17 0.70
N ALA A 109 -10.11 8.87 1.20
CA ALA A 109 -10.02 9.60 2.48
C ALA A 109 -8.85 10.59 2.48
N ALA A 110 -8.47 11.05 1.29
CA ALA A 110 -7.41 12.03 1.14
C ALA A 110 -7.95 13.44 1.36
N LEU A 111 -8.36 13.73 2.60
CA LEU A 111 -8.87 15.05 2.98
C LEU A 111 -8.10 16.20 2.34
N GLU A 112 -6.78 16.18 2.50
CA GLU A 112 -5.92 17.25 2.01
C GLU A 112 -5.28 16.89 0.68
N VAL A 113 -5.23 17.87 -0.22
CA VAL A 113 -4.48 17.79 -1.46
C VAL A 113 -3.45 18.92 -1.45
N HIS A 114 -2.19 18.58 -1.69
CA HIS A 114 -1.10 19.55 -1.71
C HIS A 114 -0.46 19.57 -3.07
N VAL A 115 -0.19 20.76 -3.59
CA VAL A 115 0.49 20.91 -4.90
C VAL A 115 1.70 21.86 -4.80
N PRO A 116 2.68 21.73 -5.71
CA PRO A 116 3.71 22.76 -5.79
C PRO A 116 3.25 23.90 -6.70
N GLN A 117 4.12 24.87 -6.94
CA GLN A 117 3.71 26.01 -7.73
C GLN A 117 3.96 25.84 -9.22
N TRP A 118 4.42 24.66 -9.62
CA TRP A 118 4.72 24.39 -11.03
C TRP A 118 3.85 23.29 -11.62
N ARG A 119 3.84 23.20 -12.95
CA ARG A 119 3.11 22.15 -13.67
C ARG A 119 4.08 21.33 -14.50
N PHE A 120 3.69 20.10 -14.83
CA PHE A 120 4.44 19.32 -15.81
C PHE A 120 4.23 19.91 -17.20
N VAL A 121 5.18 19.71 -18.10
CA VAL A 121 4.96 20.12 -19.50
C VAL A 121 5.34 19.03 -20.51
N ALA A 122 4.55 18.95 -21.57
CA ALA A 122 4.82 17.99 -22.65
C ALA A 122 6.17 18.30 -23.32
N GLU A 123 6.98 17.26 -23.47
CA GLU A 123 8.30 17.39 -24.10
C GLU A 123 8.18 17.70 -25.60
N PRO A 124 8.61 18.93 -26.01
CA PRO A 124 8.50 19.46 -27.38
C PRO A 124 8.53 18.40 -28.48
N GLY A 125 9.49 17.46 -28.39
CA GLY A 125 9.68 16.39 -29.36
C GLY A 125 9.07 15.03 -29.02
N SER A 126 9.27 14.58 -27.77
CA SER A 126 8.91 13.20 -27.38
C SER A 126 7.48 13.00 -26.85
N GLY A 127 7.01 13.91 -25.99
CA GLY A 127 5.62 13.88 -25.54
C GLY A 127 5.38 13.86 -24.04
N GLU A 128 6.03 12.93 -23.34
CA GLU A 128 5.81 12.75 -21.88
C GLU A 128 6.48 13.83 -21.00
N LEU A 129 6.05 13.89 -19.75
CA LEU A 129 6.12 15.12 -18.97
C LEU A 129 7.25 15.22 -17.97
N ASN A 130 7.98 16.33 -18.04
CA ASN A 130 8.94 16.73 -17.00
C ASN A 130 8.40 17.94 -16.27
N PRO A 131 8.88 18.18 -15.03
CA PRO A 131 8.53 19.39 -14.28
C PRO A 131 8.79 20.66 -15.09
N GLY A 132 7.85 21.59 -15.13
CA GLY A 132 8.05 22.83 -15.87
C GLY A 132 8.36 23.97 -14.91
N PRO A 133 8.33 25.22 -15.42
CA PRO A 133 8.53 26.38 -14.55
C PRO A 133 7.34 26.59 -13.62
N ALA A 134 7.54 27.38 -12.57
CA ALA A 134 6.43 27.79 -11.70
C ALA A 134 5.55 28.77 -12.44
N THR A 135 4.23 28.60 -12.32
CA THR A 135 3.25 29.46 -12.99
C THR A 135 2.79 30.61 -12.09
N ARG A 136 3.05 30.50 -10.79
CA ARG A 136 2.56 31.48 -9.82
C ARG A 136 3.44 31.57 -8.57
N LEU A 137 3.48 32.73 -7.95
CA LEU A 137 4.13 32.87 -6.66
C LEU A 137 3.11 32.51 -5.61
N VAL A 138 3.58 31.96 -4.50
CA VAL A 138 2.76 31.79 -3.30
C VAL A 138 3.44 32.43 -2.10
N PHE A 139 2.70 33.25 -1.37
CA PHE A 139 3.21 33.81 -0.12
C PHE A 139 2.42 33.19 1.00
N ASP A 140 3.13 32.49 1.88
CA ASP A 140 2.52 31.70 2.93
C ASP A 140 2.70 32.47 4.22
N LEU A 141 1.64 33.13 4.67
CA LEU A 141 1.72 34.00 5.83
C LEU A 141 1.37 33.24 7.13
N ASP A 142 2.36 33.14 8.00
CA ASP A 142 2.30 32.37 9.23
C ASP A 142 2.38 33.31 10.42
N PRO A 143 1.27 33.47 11.14
CA PRO A 143 1.21 34.45 12.22
C PRO A 143 1.82 33.89 13.50
N GLY A 144 2.43 34.75 14.29
CA GLY A 144 3.07 34.32 15.52
C GLY A 144 2.17 34.40 16.74
N GLU A 145 2.70 33.92 17.87
CA GLU A 145 2.07 34.07 19.17
C GLU A 145 1.43 35.45 19.29
N GLY A 146 0.13 35.44 19.58
CA GLY A 146 -0.63 36.65 19.88
C GLY A 146 -0.78 37.60 18.71
N VAL A 147 -0.77 37.05 17.49
CA VAL A 147 -0.95 37.85 16.29
C VAL A 147 -2.43 37.95 15.89
N MET A 148 -2.97 39.15 16.07
CA MET A 148 -4.34 39.52 15.69
C MET A 148 -4.56 39.41 14.17
N MET A 149 -5.48 38.52 13.79
CA MET A 149 -5.90 38.32 12.39
C MET A 149 -6.12 39.63 11.61
N ALA A 150 -6.34 40.73 12.34
CA ALA A 150 -6.39 42.06 11.75
C ALA A 150 -5.05 42.48 11.15
N GLN A 151 -4.00 42.51 11.99
CA GLN A 151 -2.64 42.90 11.57
C GLN A 151 -2.05 41.90 10.56
N LEU A 152 -2.50 40.67 10.62
CA LEU A 152 -2.17 39.69 9.61
C LEU A 152 -2.59 40.18 8.22
N ALA A 153 -3.68 40.94 8.16
CA ALA A 153 -4.20 41.44 6.90
C ALA A 153 -3.43 42.65 6.37
N GLU A 154 -3.08 43.58 7.26
CA GLU A 154 -2.25 44.72 6.87
C GLU A 154 -1.01 44.23 6.12
N VAL A 155 -0.34 43.23 6.67
CA VAL A 155 0.79 42.60 6.02
C VAL A 155 0.40 42.09 4.65
N ALA A 156 -0.69 41.32 4.59
CA ALA A 156 -1.21 40.82 3.31
C ALA A 156 -1.43 41.95 2.31
N ARG A 157 -1.88 43.11 2.82
CA ARG A 157 -2.13 44.28 1.97
C ARG A 157 -0.83 44.89 1.50
N ALA A 158 0.18 44.88 2.38
CA ALA A 158 1.50 45.40 2.06
C ALA A 158 2.15 44.58 0.97
N VAL A 159 1.91 43.28 0.99
CA VAL A 159 2.40 42.40 -0.06
C VAL A 159 1.74 42.71 -1.40
N ARG A 160 0.44 43.00 -1.37
CA ARG A 160 -0.33 43.26 -2.59
C ARG A 160 0.23 44.46 -3.34
N ASP A 161 0.64 45.49 -2.59
CA ASP A 161 1.13 46.75 -3.18
C ASP A 161 2.51 46.60 -3.78
N LEU A 162 3.43 46.03 -3.01
CA LEU A 162 4.76 45.72 -3.50
C LEU A 162 4.70 44.93 -4.79
N LEU A 163 3.73 44.03 -4.87
CA LEU A 163 3.53 43.23 -6.07
C LEU A 163 2.84 43.99 -7.21
N ALA A 164 1.81 44.76 -6.87
CA ALA A 164 1.15 45.62 -7.86
C ALA A 164 2.13 46.60 -8.49
N ASP A 165 3.09 47.07 -7.69
CA ASP A 165 4.20 47.90 -8.15
C ASP A 165 5.16 47.16 -9.07
N ILE A 166 4.71 46.03 -9.62
CA ILE A 166 5.41 45.37 -10.71
C ILE A 166 4.38 44.72 -11.66
N GLY A 167 3.17 45.30 -11.68
CA GLY A 167 2.07 44.87 -12.55
C GLY A 167 1.56 43.48 -12.25
N LEU A 168 1.76 43.01 -11.00
CA LEU A 168 1.34 41.67 -10.61
C LEU A 168 0.10 41.67 -9.70
N VAL A 169 -0.86 40.79 -9.99
CA VAL A 169 -2.11 40.70 -9.23
C VAL A 169 -2.01 39.69 -8.07
N THR A 170 -2.77 39.91 -6.99
CA THR A 170 -2.70 39.04 -5.80
C THR A 170 -4.04 38.62 -5.24
N PHE A 171 -4.17 37.30 -5.07
CA PHE A 171 -5.39 36.70 -4.57
C PHE A 171 -5.19 36.11 -3.19
N PRO A 172 -6.02 36.52 -2.22
CA PRO A 172 -5.89 35.93 -0.90
C PRO A 172 -6.73 34.67 -0.74
N VAL A 173 -6.19 33.72 0.00
CA VAL A 173 -6.84 32.46 0.32
C VAL A 173 -6.52 32.18 1.78
N THR A 174 -7.53 32.06 2.64
CA THR A 174 -7.26 31.63 4.02
C THR A 174 -6.97 30.14 3.96
N SER A 175 -5.96 29.70 4.73
CA SER A 175 -5.45 28.33 4.63
C SER A 175 -6.43 27.26 5.11
N GLY A 176 -7.37 27.64 5.96
CA GLY A 176 -8.26 26.66 6.55
C GLY A 176 -7.62 26.15 7.81
N SER A 177 -6.65 26.90 8.29
CA SER A 177 -5.86 26.46 9.43
C SER A 177 -5.64 27.63 10.38
N LYS A 178 -4.46 28.22 10.37
CA LYS A 178 -4.15 29.30 11.28
C LYS A 178 -3.88 30.64 10.59
N GLY A 179 -3.35 30.58 9.37
CA GLY A 179 -2.90 31.79 8.69
C GLY A 179 -3.48 32.02 7.32
N LEU A 180 -2.69 32.61 6.44
CA LEU A 180 -3.22 33.16 5.21
C LEU A 180 -2.28 32.93 4.03
N HIS A 181 -2.85 32.67 2.86
CA HIS A 181 -2.05 32.44 1.66
C HIS A 181 -2.35 33.47 0.60
N LEU A 182 -1.31 33.89 -0.11
CA LEU A 182 -1.45 34.83 -1.20
C LEU A 182 -0.90 34.19 -2.44
N TYR A 183 -1.69 34.16 -3.50
CA TYR A 183 -1.19 33.73 -4.80
C TYR A 183 -1.11 34.88 -5.80
N THR A 184 -0.10 34.81 -6.65
CA THR A 184 0.12 35.78 -7.70
C THR A 184 0.36 34.99 -8.97
N PRO A 185 -0.43 35.25 -10.02
CA PRO A 185 -0.12 34.58 -11.27
C PRO A 185 1.05 35.26 -11.96
N LEU A 186 1.94 34.46 -12.53
CA LEU A 186 3.03 34.96 -13.36
C LEU A 186 2.61 34.81 -14.81
N ASP A 187 2.29 35.92 -15.46
CA ASP A 187 1.84 35.85 -16.85
C ASP A 187 2.84 35.03 -17.68
N GLU A 188 4.11 35.40 -17.56
CA GLU A 188 5.22 34.64 -18.12
C GLU A 188 5.85 33.78 -17.03
N PRO A 189 5.86 32.44 -17.19
CA PRO A 189 6.32 31.60 -16.09
C PRO A 189 7.84 31.64 -15.91
N VAL A 190 8.30 31.21 -14.75
CA VAL A 190 9.71 31.35 -14.36
C VAL A 190 10.09 30.23 -13.39
N SER A 191 11.28 29.66 -13.57
CA SER A 191 11.75 28.54 -12.75
C SER A 191 11.52 28.82 -11.27
N SER A 192 11.18 27.78 -10.50
CA SER A 192 10.94 27.92 -9.06
C SER A 192 12.11 28.61 -8.36
N ARG A 193 13.33 28.31 -8.80
CA ARG A 193 14.51 28.96 -8.24
C ARG A 193 14.29 30.46 -8.32
N GLY A 194 13.97 30.94 -9.53
CA GLY A 194 13.69 32.36 -9.77
C GLY A 194 12.47 32.87 -9.02
N ALA A 195 11.45 32.03 -8.90
CA ALA A 195 10.28 32.35 -8.12
C ALA A 195 10.69 32.57 -6.67
N THR A 196 11.55 31.69 -6.13
CA THR A 196 12.06 31.81 -4.77
C THR A 196 12.83 33.13 -4.60
N VAL A 197 13.68 33.43 -5.57
CA VAL A 197 14.46 34.66 -5.57
C VAL A 197 13.51 35.84 -5.43
N LEU A 198 12.47 35.85 -6.26
CA LEU A 198 11.53 36.95 -6.27
C LEU A 198 10.83 37.10 -4.94
N ALA A 199 10.35 35.99 -4.41
CA ALA A 199 9.62 36.01 -3.16
C ALA A 199 10.53 36.44 -2.03
N LYS A 200 11.75 35.89 -2.00
CA LYS A 200 12.65 36.21 -0.91
C LYS A 200 12.81 37.71 -0.83
N ARG A 201 12.89 38.36 -1.99
CA ARG A 201 13.12 39.81 -2.04
C ARG A 201 11.89 40.61 -1.62
N VAL A 202 10.71 40.15 -1.99
CA VAL A 202 9.48 40.79 -1.54
C VAL A 202 9.43 40.76 -0.01
N ALA A 203 9.62 39.56 0.53
CA ALA A 203 9.64 39.34 1.98
C ALA A 203 10.61 40.28 2.68
N GLN A 204 11.83 40.37 2.15
CA GLN A 204 12.87 41.21 2.72
C GLN A 204 12.60 42.70 2.62
N ARG A 205 12.05 43.15 1.48
CA ARG A 205 11.70 44.56 1.32
C ARG A 205 10.56 44.91 2.29
N LEU A 206 9.71 43.92 2.57
CA LEU A 206 8.63 44.09 3.53
C LEU A 206 9.15 44.20 4.95
N GLU A 207 10.00 43.26 5.37
CA GLU A 207 10.61 43.24 6.69
C GLU A 207 11.20 44.60 7.07
N GLN A 208 11.80 45.23 6.08
CA GLN A 208 12.38 46.53 6.24
C GLN A 208 11.30 47.62 6.34
N ALA A 209 10.28 47.52 5.49
CA ALA A 209 9.23 48.54 5.42
C ALA A 209 8.35 48.57 6.68
N MET A 210 8.09 47.41 7.27
CA MET A 210 7.36 47.37 8.54
C MET A 210 8.03 46.49 9.62
N PRO A 211 9.11 47.01 10.23
CA PRO A 211 9.99 46.25 11.13
C PRO A 211 9.27 45.62 12.30
N ALA A 212 8.17 46.23 12.74
CA ALA A 212 7.51 45.80 13.97
C ALA A 212 6.64 44.57 13.82
N LEU A 213 6.29 44.20 12.58
CA LEU A 213 5.26 43.18 12.36
C LEU A 213 5.64 42.03 11.42
N VAL A 214 6.77 42.13 10.75
CA VAL A 214 7.12 41.11 9.76
C VAL A 214 8.53 40.63 9.93
N THR A 215 8.72 39.33 9.75
CA THR A 215 10.04 38.74 9.58
C THR A 215 10.10 37.85 8.35
N SER A 216 11.27 37.81 7.71
CA SER A 216 11.51 36.95 6.57
C SER A 216 12.29 35.71 6.98
N THR A 217 12.86 35.75 8.18
CA THR A 217 13.72 34.70 8.66
C THR A 217 12.94 33.61 9.40
N MET A 218 13.21 32.38 9.00
CA MET A 218 12.57 31.21 9.58
C MET A 218 13.19 30.89 10.92
N THR A 219 12.35 30.88 11.95
CA THR A 219 12.80 30.56 13.29
C THR A 219 12.28 29.16 13.58
N LYS A 220 12.97 28.41 14.46
CA LYS A 220 12.50 27.08 14.86
C LYS A 220 11.19 27.22 15.65
N SER A 221 11.20 28.13 16.63
CA SER A 221 9.98 28.68 17.23
C SER A 221 9.35 29.71 16.29
N LEU A 222 8.09 30.09 16.51
CA LEU A 222 7.54 31.20 15.73
C LEU A 222 7.53 32.49 16.57
N ARG A 223 8.19 33.54 16.06
CA ARG A 223 8.38 34.78 16.80
C ARG A 223 7.11 35.57 17.10
N ALA A 224 6.88 35.78 18.39
CA ALA A 224 5.72 36.47 18.93
C ALA A 224 5.56 37.88 18.37
N GLY A 225 4.31 38.27 18.11
CA GLY A 225 3.98 39.62 17.67
C GLY A 225 4.29 39.95 16.22
N LYS A 226 4.98 39.03 15.54
CA LYS A 226 5.36 39.24 14.15
C LYS A 226 4.71 38.23 13.23
N VAL A 227 4.56 38.60 11.97
CA VAL A 227 4.07 37.73 10.91
C VAL A 227 5.28 37.24 10.12
N PHE A 228 5.44 35.94 9.99
CA PHE A 228 6.58 35.43 9.25
C PHE A 228 6.14 35.20 7.82
N VAL A 229 6.79 35.88 6.88
CA VAL A 229 6.51 35.66 5.45
C VAL A 229 7.38 34.53 4.90
N ASP A 230 6.77 33.34 4.81
CA ASP A 230 7.41 32.16 4.25
C ASP A 230 7.63 32.23 2.72
N TRP A 231 8.80 32.72 2.34
CA TRP A 231 9.15 32.84 0.93
C TRP A 231 9.64 31.51 0.34
N SER A 232 10.23 30.65 1.16
CA SER A 232 10.81 29.42 0.64
C SER A 232 9.78 28.37 0.20
N GLN A 233 8.48 28.67 0.36
CA GLN A 233 7.41 27.80 -0.19
C GLN A 233 7.40 27.83 -1.72
N ASN A 234 8.15 28.75 -2.28
CA ASN A 234 8.28 28.84 -3.70
C ASN A 234 9.34 27.87 -4.22
N SER A 235 9.94 27.12 -3.30
CA SER A 235 10.94 26.13 -3.67
C SER A 235 10.25 25.04 -4.48
N GLY A 236 10.94 24.53 -5.49
CA GLY A 236 10.32 23.57 -6.39
C GLY A 236 10.00 22.21 -5.79
N SER A 237 10.55 21.94 -4.62
CA SER A 237 10.34 20.66 -3.99
C SER A 237 9.25 20.71 -2.93
N LYS A 238 8.73 21.91 -2.67
CA LYS A 238 7.75 22.11 -1.60
C LYS A 238 6.32 22.20 -2.14
N THR A 239 5.33 21.87 -1.31
CA THR A 239 3.92 22.02 -1.72
C THR A 239 3.14 22.89 -0.75
N THR A 240 2.07 23.52 -1.24
CA THR A 240 1.17 24.31 -0.41
C THR A 240 -0.20 23.69 -0.53
N ILE A 241 -0.97 23.71 0.56
CA ILE A 241 -2.32 23.20 0.53
C ILE A 241 -3.06 23.84 -0.63
N ALA A 242 -3.73 23.01 -1.43
CA ALA A 242 -4.33 23.47 -2.67
C ALA A 242 -5.58 24.27 -2.38
N PRO A 243 -5.88 25.27 -3.22
CA PRO A 243 -7.09 26.05 -2.97
C PRO A 243 -8.32 25.19 -3.14
N TYR A 244 -9.22 25.27 -2.17
CA TYR A 244 -10.49 24.51 -2.10
C TYR A 244 -10.34 23.16 -1.41
N SER A 245 -9.13 22.84 -0.98
CA SER A 245 -8.88 21.60 -0.28
C SER A 245 -9.45 21.66 1.13
N LEU A 246 -9.90 20.52 1.62
CA LEU A 246 -10.31 20.40 3.02
C LEU A 246 -9.06 20.36 3.88
N ARG A 247 -9.18 20.66 5.16
CA ARG A 247 -8.08 20.41 6.09
C ARG A 247 -8.45 19.26 7.02
N GLY A 248 -7.43 18.57 7.51
CA GLY A 248 -7.65 17.49 8.45
C GLY A 248 -7.47 18.02 9.85
N ARG A 249 -8.29 19.01 10.22
CA ARG A 249 -8.31 19.54 11.59
C ARG A 249 -9.56 19.02 12.31
N THR A 250 -9.72 19.36 13.59
CA THR A 250 -10.91 18.85 14.32
C THR A 250 -12.18 19.27 13.59
N HIS A 251 -12.17 20.46 12.98
CA HIS A 251 -13.29 20.96 12.16
C HIS A 251 -12.97 20.90 10.67
N PRO A 252 -13.94 20.51 9.81
CA PRO A 252 -13.71 20.42 8.37
C PRO A 252 -13.56 21.77 7.65
N THR A 253 -12.51 22.51 7.98
CA THR A 253 -12.25 23.82 7.37
C THR A 253 -11.67 23.66 5.97
N VAL A 254 -11.60 24.76 5.22
CA VAL A 254 -11.13 24.70 3.84
C VAL A 254 -10.13 25.83 3.49
N ALA A 255 -9.20 25.56 2.59
CA ALA A 255 -8.36 26.60 2.00
C ALA A 255 -9.22 27.49 1.09
N ALA A 256 -9.90 28.45 1.70
CA ALA A 256 -10.91 29.23 0.99
C ALA A 256 -10.35 30.51 0.36
N PRO A 257 -10.58 30.70 -0.96
CA PRO A 257 -10.31 32.00 -1.57
C PRO A 257 -11.22 33.08 -0.97
N ARG A 258 -10.64 34.20 -0.55
CA ARG A 258 -11.40 35.29 0.03
C ARG A 258 -11.22 36.56 -0.82
N THR A 259 -12.22 37.44 -0.83
CA THR A 259 -12.10 38.72 -1.51
C THR A 259 -11.42 39.73 -0.60
N TRP A 260 -10.69 40.69 -1.19
CA TRP A 260 -9.94 41.68 -0.41
C TRP A 260 -10.74 42.41 0.66
N ALA A 261 -11.95 42.82 0.30
CA ALA A 261 -12.88 43.45 1.24
C ALA A 261 -13.03 42.65 2.54
N GLU A 262 -13.15 41.34 2.41
CA GLU A 262 -13.24 40.43 3.56
C GLU A 262 -12.04 40.52 4.50
N LEU A 263 -10.86 40.74 3.93
CA LEU A 263 -9.65 40.83 4.74
C LEU A 263 -9.64 42.04 5.66
N ASP A 264 -10.49 43.03 5.38
CA ASP A 264 -10.61 44.21 6.24
C ASP A 264 -11.36 43.92 7.51
N ASP A 265 -12.04 42.78 7.53
CA ASP A 265 -12.79 42.32 8.69
C ASP A 265 -11.86 41.88 9.82
N PRO A 266 -11.95 42.50 11.01
CA PRO A 266 -11.17 42.02 12.15
C PRO A 266 -11.62 40.64 12.65
N ALA A 267 -12.92 40.38 12.64
CA ALA A 267 -13.44 39.05 12.99
C ALA A 267 -13.36 38.05 11.83
N LEU A 268 -12.44 38.29 10.89
CA LEU A 268 -12.20 37.38 9.79
C LEU A 268 -11.79 36.00 10.32
N ARG A 269 -12.46 34.95 9.84
CA ARG A 269 -12.19 33.61 10.34
C ARG A 269 -12.08 32.62 9.20
N GLN A 270 -11.70 31.38 9.53
CA GLN A 270 -11.66 30.30 8.57
C GLN A 270 -13.08 29.91 8.18
N LEU A 271 -13.23 29.19 7.07
CA LEU A 271 -14.56 28.79 6.55
C LEU A 271 -14.71 27.27 6.44
N SER A 272 -15.93 26.78 6.63
CA SER A 272 -16.19 25.34 6.51
C SER A 272 -16.66 24.92 5.12
N TYR A 273 -16.50 23.63 4.83
CA TYR A 273 -16.81 23.08 3.51
C TYR A 273 -18.17 23.54 3.03
N ASP A 274 -19.14 23.51 3.93
CA ASP A 274 -20.51 23.89 3.64
C ASP A 274 -20.61 25.36 3.22
N GLU A 275 -19.84 26.22 3.88
CA GLU A 275 -19.89 27.65 3.61
C GLU A 275 -19.24 27.92 2.25
N VAL A 276 -18.13 27.24 1.99
CA VAL A 276 -17.43 27.37 0.73
C VAL A 276 -18.35 26.97 -0.42
N LEU A 277 -19.11 25.90 -0.23
CA LEU A 277 -20.12 25.48 -1.19
C LEU A 277 -21.17 26.55 -1.46
N THR A 278 -21.66 27.23 -0.41
CA THR A 278 -22.69 28.26 -0.61
C THR A 278 -22.08 29.52 -1.24
N ARG A 279 -20.78 29.70 -1.02
CA ARG A 279 -20.06 30.83 -1.57
C ARG A 279 -19.84 30.67 -3.06
N ILE A 280 -19.30 29.50 -3.42
CA ILE A 280 -19.00 29.15 -4.79
C ILE A 280 -20.19 29.33 -5.72
N ALA A 281 -21.37 28.93 -5.26
CA ALA A 281 -22.61 29.11 -6.01
C ALA A 281 -22.76 30.60 -6.37
N ARG A 282 -22.78 31.44 -5.34
CA ARG A 282 -22.97 32.88 -5.48
C ARG A 282 -21.76 33.60 -6.10
N ASP A 283 -20.59 32.97 -6.06
CA ASP A 283 -19.34 33.68 -6.39
C ASP A 283 -18.63 33.26 -7.66
N GLY A 284 -18.78 32.00 -8.06
CA GLY A 284 -17.99 31.44 -9.15
C GLY A 284 -16.62 31.13 -8.58
N ASP A 285 -15.59 31.23 -9.42
CA ASP A 285 -14.21 31.04 -8.98
C ASP A 285 -13.51 32.38 -8.84
N LEU A 286 -13.33 32.85 -7.61
CA LEU A 286 -12.61 34.10 -7.36
C LEU A 286 -11.18 34.02 -7.88
N LEU A 287 -10.64 32.80 -7.94
CA LEU A 287 -9.32 32.56 -8.45
C LEU A 287 -9.34 32.22 -9.94
N GLU A 288 -10.41 32.56 -10.63
CA GLU A 288 -10.53 32.20 -12.04
C GLU A 288 -9.35 32.66 -12.88
N ARG A 289 -8.77 33.81 -12.53
CA ARG A 289 -7.69 34.35 -13.33
C ARG A 289 -6.31 33.82 -12.93
N LEU A 290 -6.24 33.04 -11.86
CA LEU A 290 -4.97 32.52 -11.39
C LEU A 290 -4.35 31.48 -12.32
N ASP A 291 -5.16 30.55 -12.81
CA ASP A 291 -4.69 29.53 -13.75
C ASP A 291 -5.68 29.46 -14.92
N ALA A 292 -5.51 30.37 -15.88
CA ALA A 292 -6.45 30.55 -16.99
C ALA A 292 -6.43 29.39 -18.01
N ASP A 293 -5.43 28.51 -17.87
CA ASP A 293 -5.12 27.45 -18.84
C ASP A 293 -4.92 26.09 -18.16
N ALA A 294 -4.38 25.13 -18.93
CA ALA A 294 -4.20 23.72 -18.48
C ALA A 294 -5.55 22.98 -18.32
N PRO A 295 -5.54 21.63 -18.39
CA PRO A 295 -6.77 20.79 -18.28
C PRO A 295 -7.54 20.97 -16.97
N GLN B 10 21.32 -5.38 2.34
CA GLN B 10 20.19 -6.26 2.78
C GLN B 10 19.91 -6.23 4.28
N ARG B 11 19.88 -5.02 4.84
CA ARG B 11 19.43 -4.83 6.22
C ARG B 11 17.89 -4.90 6.25
N VAL B 12 17.34 -5.49 7.32
CA VAL B 12 15.90 -5.38 7.59
C VAL B 12 15.73 -4.98 9.03
N THR B 13 15.18 -3.80 9.28
CA THR B 13 14.96 -3.34 10.64
C THR B 13 13.63 -3.85 11.16
N LEU B 14 13.69 -4.65 12.22
CA LEU B 14 12.48 -5.10 12.89
C LEU B 14 11.87 -3.95 13.66
N THR B 15 10.55 -3.78 13.57
CA THR B 15 9.85 -2.75 14.34
C THR B 15 8.65 -3.37 15.03
N ASN B 16 8.34 -2.85 16.22
CA ASN B 16 7.30 -3.41 17.09
C ASN B 16 7.63 -4.81 17.59
N ALA B 17 8.87 -4.97 18.05
CA ALA B 17 9.38 -6.24 18.56
C ALA B 17 8.39 -6.93 19.48
N ASP B 18 7.88 -6.17 20.44
CA ASP B 18 7.09 -6.75 21.52
C ASP B 18 5.60 -6.70 21.23
N LYS B 19 5.23 -6.44 19.98
CA LYS B 19 3.82 -6.43 19.60
C LYS B 19 3.27 -7.86 19.46
N VAL B 20 2.33 -8.20 20.33
CA VAL B 20 1.74 -9.54 20.34
C VAL B 20 0.87 -9.72 19.10
N LEU B 21 1.17 -10.76 18.32
CA LEU B 21 0.37 -11.12 17.14
C LEU B 21 -0.54 -12.33 17.36
N TYR B 22 -0.09 -13.27 18.20
CA TYR B 22 -0.91 -14.39 18.65
C TYR B 22 -1.28 -14.15 20.11
N PRO B 23 -2.46 -13.51 20.35
CA PRO B 23 -2.86 -13.11 21.71
C PRO B 23 -2.96 -14.29 22.66
N ALA B 24 -3.49 -15.41 22.18
CA ALA B 24 -3.66 -16.63 22.98
C ALA B 24 -2.36 -17.08 23.67
N THR B 25 -1.27 -17.08 22.91
CA THR B 25 0.00 -17.56 23.45
C THR B 25 0.97 -16.41 23.73
N GLY B 26 0.58 -15.21 23.33
CA GLY B 26 1.40 -14.01 23.54
C GLY B 26 2.69 -14.04 22.75
N THR B 27 2.57 -14.22 21.44
CA THR B 27 3.73 -14.34 20.57
C THR B 27 4.04 -13.02 19.83
N THR B 28 5.08 -12.36 20.31
CA THR B 28 5.56 -11.08 19.75
C THR B 28 6.21 -11.24 18.36
N LYS B 29 6.17 -10.16 17.58
CA LYS B 29 6.87 -10.11 16.30
C LYS B 29 8.30 -10.64 16.41
N SER B 30 8.92 -10.39 17.56
CA SER B 30 10.30 -10.80 17.79
C SER B 30 10.47 -12.33 17.80
N ASP B 31 9.50 -13.04 18.37
CA ASP B 31 9.49 -14.51 18.30
C ASP B 31 9.46 -14.92 16.84
N ILE B 32 8.46 -14.41 16.13
CA ILE B 32 8.25 -14.71 14.71
C ILE B 32 9.49 -14.39 13.89
N PHE B 33 10.13 -13.24 14.15
CA PHE B 33 11.34 -12.89 13.44
C PHE B 33 12.39 -13.96 13.70
N ASP B 34 12.56 -14.31 14.98
CA ASP B 34 13.54 -15.32 15.34
C ASP B 34 13.18 -16.71 14.82
N TYR B 35 11.89 -17.05 14.80
CA TYR B 35 11.45 -18.30 14.23
C TYR B 35 11.90 -18.43 12.78
N TYR B 36 11.49 -17.48 11.95
CA TYR B 36 11.85 -17.47 10.54
C TYR B 36 13.36 -17.37 10.31
N ALA B 37 14.07 -16.82 11.29
CA ALA B 37 15.53 -16.86 11.28
C ALA B 37 16.06 -18.27 11.50
N GLY B 38 15.42 -19.04 12.38
CA GLY B 38 15.82 -20.41 12.66
C GLY B 38 15.44 -21.43 11.60
N VAL B 39 14.25 -21.29 11.01
CA VAL B 39 13.81 -22.25 10.00
C VAL B 39 14.36 -21.93 8.63
N ALA B 40 15.04 -20.80 8.52
CA ALA B 40 15.57 -20.31 7.24
C ALA B 40 16.28 -21.38 6.40
N GLU B 41 17.37 -21.96 6.92
CA GLU B 41 18.16 -22.94 6.16
C GLU B 41 17.30 -24.09 5.62
N VAL B 42 16.46 -24.68 6.46
CA VAL B 42 15.58 -25.75 6.00
C VAL B 42 14.45 -25.28 5.07
N MET B 43 13.90 -24.10 5.36
CA MET B 43 12.75 -23.60 4.60
C MET B 43 13.09 -23.07 3.22
N LEU B 44 14.17 -22.31 3.12
CA LEU B 44 14.45 -21.54 1.91
C LEU B 44 14.43 -22.37 0.65
N GLY B 45 14.97 -23.58 0.71
CA GLY B 45 15.05 -24.44 -0.48
C GLY B 45 13.72 -24.81 -1.13
N HIS B 46 12.63 -24.77 -0.37
CA HIS B 46 11.34 -25.15 -0.88
C HIS B 46 10.53 -23.98 -1.39
N ILE B 47 11.03 -22.77 -1.18
CA ILE B 47 10.35 -21.58 -1.70
C ILE B 47 11.22 -20.76 -2.66
N ALA B 48 12.51 -21.07 -2.71
CA ALA B 48 13.41 -20.49 -3.71
C ALA B 48 12.88 -20.69 -5.13
N GLY B 49 13.07 -19.67 -5.98
CA GLY B 49 12.62 -19.70 -7.37
C GLY B 49 11.12 -19.62 -7.53
N ARG B 50 10.40 -19.45 -6.43
CA ARG B 50 8.94 -19.52 -6.44
C ARG B 50 8.28 -18.21 -6.01
N PRO B 51 7.19 -17.83 -6.70
CA PRO B 51 6.52 -16.58 -6.41
C PRO B 51 5.79 -16.62 -5.06
N ALA B 52 6.24 -15.80 -4.12
CA ALA B 52 5.72 -15.83 -2.76
C ALA B 52 4.42 -15.03 -2.55
N THR B 53 3.32 -15.75 -2.37
CA THR B 53 2.09 -15.15 -1.91
C THR B 53 2.14 -15.06 -0.39
N ARG B 54 1.77 -13.90 0.15
CA ARG B 54 1.79 -13.66 1.59
C ARG B 54 0.36 -13.50 2.09
N LYS B 55 0.09 -14.02 3.28
CA LYS B 55 -1.15 -13.65 3.96
C LYS B 55 -0.78 -12.98 5.28
N ARG B 56 -1.26 -11.74 5.46
CA ARG B 56 -0.72 -10.88 6.49
C ARG B 56 -1.71 -10.52 7.58
N TRP B 57 -1.20 -10.53 8.81
CA TRP B 57 -2.01 -10.20 9.99
C TRP B 57 -1.32 -9.10 10.80
N PRO B 58 -1.09 -7.94 10.18
CA PRO B 58 -0.28 -6.87 10.80
C PRO B 58 -0.76 -6.48 12.19
N ASN B 59 -2.01 -6.80 12.50
CA ASN B 59 -2.60 -6.43 13.77
C ASN B 59 -2.99 -7.61 14.64
N GLY B 60 -2.24 -8.71 14.50
CA GLY B 60 -2.55 -9.92 15.25
C GLY B 60 -3.58 -10.78 14.56
N VAL B 61 -3.67 -12.04 14.98
CA VAL B 61 -4.57 -13.00 14.35
C VAL B 61 -6.06 -12.73 14.60
N ASP B 62 -6.35 -11.70 15.40
CA ASP B 62 -7.73 -11.29 15.70
C ASP B 62 -8.27 -10.18 14.80
N GLN B 63 -7.40 -9.25 14.40
CA GLN B 63 -7.79 -8.22 13.45
C GLN B 63 -7.74 -8.80 12.04
N PRO B 64 -8.59 -8.29 11.12
CA PRO B 64 -8.69 -8.83 9.77
C PRO B 64 -7.34 -8.97 9.06
N ALA B 65 -7.29 -9.90 8.11
CA ALA B 65 -6.09 -10.18 7.32
C ALA B 65 -6.36 -10.04 5.83
N PHE B 66 -5.29 -10.09 5.05
CA PHE B 66 -5.41 -10.01 3.59
C PHE B 66 -4.35 -10.86 2.89
N PHE B 67 -4.70 -11.38 1.70
CA PHE B 67 -3.69 -11.95 0.81
C PHE B 67 -2.99 -10.83 0.05
N GLU B 68 -1.71 -11.03 -0.23
CA GLU B 68 -0.95 -10.11 -1.05
C GLU B 68 -0.03 -10.90 -1.99
N LYS B 69 -0.21 -10.66 -3.30
CA LYS B 69 0.57 -11.32 -4.33
C LYS B 69 1.54 -10.31 -4.91
N GLN B 70 1.00 -9.21 -5.44
CA GLN B 70 1.83 -8.17 -6.02
C GLN B 70 2.82 -7.69 -4.99
N LEU B 71 4.05 -7.40 -5.42
CA LEU B 71 5.05 -6.82 -4.53
C LEU B 71 4.80 -5.33 -4.52
N ALA B 72 4.56 -4.79 -3.33
CA ALA B 72 4.34 -3.36 -3.18
C ALA B 72 5.49 -2.54 -3.73
N LEU B 73 5.19 -1.29 -4.07
CA LEU B 73 6.17 -0.40 -4.64
C LEU B 73 7.12 0.08 -3.55
N SER B 74 6.70 -0.11 -2.30
CA SER B 74 7.49 0.29 -1.15
C SER B 74 8.38 -0.83 -0.64
N ALA B 75 8.38 -1.96 -1.34
CA ALA B 75 9.16 -3.13 -0.95
C ALA B 75 10.63 -2.99 -1.34
N PRO B 76 11.55 -3.42 -0.44
CA PRO B 76 12.99 -3.18 -0.59
C PRO B 76 13.55 -3.67 -1.93
N PRO B 77 14.34 -2.81 -2.63
CA PRO B 77 14.80 -3.02 -4.01
C PRO B 77 15.63 -4.29 -4.21
N TRP B 78 16.23 -4.79 -3.13
CA TRP B 78 17.11 -5.94 -3.22
C TRP B 78 16.35 -7.28 -3.34
N LEU B 79 15.05 -7.28 -3.04
CA LEU B 79 14.23 -8.48 -3.22
C LEU B 79 14.22 -8.99 -4.67
N SER B 80 14.17 -10.31 -4.83
CA SER B 80 14.04 -10.90 -6.14
C SER B 80 12.58 -10.85 -6.55
N ARG B 81 12.36 -10.78 -7.85
CA ARG B 81 11.03 -10.57 -8.36
C ARG B 81 10.92 -11.09 -9.78
N ALA B 82 9.77 -11.67 -10.09
CA ALA B 82 9.45 -12.06 -11.44
C ALA B 82 7.97 -11.85 -11.70
N THR B 83 7.63 -11.64 -12.97
CA THR B 83 6.24 -11.38 -13.36
C THR B 83 5.54 -12.63 -13.87
N VAL B 84 4.27 -12.79 -13.51
CA VAL B 84 3.39 -13.79 -14.10
C VAL B 84 2.29 -13.05 -14.86
N ALA B 85 1.97 -13.54 -16.06
CA ALA B 85 0.94 -12.92 -16.92
C ALA B 85 -0.38 -13.69 -16.94
N HIS B 86 -1.43 -13.08 -16.36
CA HIS B 86 -2.72 -13.73 -16.10
C HIS B 86 -3.87 -12.96 -16.78
N ARG B 87 -4.84 -13.69 -17.35
CA ARG B 87 -5.85 -13.11 -18.28
C ARG B 87 -5.89 -11.58 -18.32
N SER B 88 -6.44 -10.98 -17.26
CA SER B 88 -6.40 -9.52 -17.10
C SER B 88 -5.47 -9.12 -15.96
N GLY B 89 -4.52 -8.24 -16.29
CA GLY B 89 -3.50 -7.78 -15.34
C GLY B 89 -2.19 -8.57 -15.38
N THR B 90 -1.18 -8.01 -14.72
CA THR B 90 0.13 -8.63 -14.68
C THR B 90 0.73 -8.49 -13.29
N THR B 91 1.11 -9.60 -12.67
CA THR B 91 1.56 -9.57 -11.28
C THR B 91 3.05 -9.84 -11.14
N THR B 92 3.75 -8.92 -10.47
CA THR B 92 5.15 -9.14 -10.10
C THR B 92 5.25 -9.63 -8.64
N TYR B 93 5.70 -10.86 -8.46
CA TYR B 93 5.78 -11.45 -7.13
C TYR B 93 7.19 -11.30 -6.59
N PRO B 94 7.35 -11.25 -5.25
CA PRO B 94 8.67 -11.41 -4.64
C PRO B 94 9.08 -12.86 -4.62
N ILE B 95 10.37 -13.12 -4.85
CA ILE B 95 10.92 -14.45 -4.65
C ILE B 95 11.81 -14.41 -3.40
N ILE B 96 11.39 -15.17 -2.37
CA ILE B 96 12.14 -15.27 -1.12
C ILE B 96 13.19 -16.36 -1.22
N ASP B 97 14.45 -15.99 -1.08
CA ASP B 97 15.56 -16.92 -1.30
C ASP B 97 16.77 -16.60 -0.46
N SER B 98 16.59 -15.79 0.57
CA SER B 98 17.64 -15.54 1.54
C SER B 98 17.01 -15.43 2.91
N ALA B 99 17.82 -15.59 3.97
CA ALA B 99 17.31 -15.46 5.34
C ALA B 99 16.75 -14.06 5.56
N THR B 100 17.38 -13.10 4.89
CA THR B 100 16.98 -11.71 4.92
C THR B 100 15.61 -11.54 4.29
N GLY B 101 15.36 -12.29 3.22
CA GLY B 101 14.02 -12.36 2.62
C GLY B 101 12.97 -12.77 3.64
N LEU B 102 13.27 -13.77 4.46
CA LEU B 102 12.30 -14.22 5.46
C LEU B 102 12.19 -13.19 6.58
N ALA B 103 13.31 -12.53 6.87
CA ALA B 103 13.32 -11.42 7.84
C ALA B 103 12.27 -10.41 7.42
N TRP B 104 12.34 -10.01 6.14
CA TRP B 104 11.34 -9.13 5.55
C TRP B 104 9.93 -9.69 5.80
N ILE B 105 9.70 -10.94 5.38
CA ILE B 105 8.42 -11.63 5.62
C ILE B 105 7.95 -11.50 7.06
N ALA B 106 8.87 -11.64 8.02
CA ALA B 106 8.53 -11.52 9.43
C ALA B 106 8.12 -10.08 9.77
N GLN B 107 9.01 -9.14 9.45
CA GLN B 107 8.78 -7.70 9.64
C GLN B 107 7.45 -7.25 9.06
N GLN B 108 7.15 -7.81 7.90
CA GLN B 108 5.91 -7.59 7.19
C GLN B 108 4.66 -8.15 7.88
N ALA B 109 4.83 -8.80 9.02
CA ALA B 109 3.74 -9.50 9.72
C ALA B 109 3.03 -10.53 8.84
N ALA B 110 3.77 -11.07 7.88
CA ALA B 110 3.26 -12.02 6.90
C ALA B 110 3.39 -13.43 7.47
N LEU B 111 2.50 -13.75 8.40
CA LEU B 111 2.52 -15.02 9.10
C LEU B 111 2.64 -16.19 8.15
N GLU B 112 1.78 -16.20 7.13
CA GLU B 112 1.72 -17.27 6.16
C GLU B 112 2.46 -16.91 4.88
N VAL B 113 3.24 -17.87 4.38
CA VAL B 113 3.81 -17.79 3.04
C VAL B 113 3.18 -18.92 2.22
N HIS B 114 2.67 -18.58 1.03
CA HIS B 114 2.06 -19.55 0.11
C HIS B 114 2.80 -19.60 -1.23
N VAL B 115 3.01 -20.81 -1.75
CA VAL B 115 3.70 -21.00 -3.03
C VAL B 115 2.94 -21.97 -3.94
N PRO B 116 3.14 -21.85 -5.27
CA PRO B 116 2.65 -22.87 -6.19
C PRO B 116 3.72 -23.96 -6.33
N GLN B 117 3.44 -24.97 -7.13
CA GLN B 117 4.36 -26.07 -7.20
C GLN B 117 5.42 -25.88 -8.28
N TRP B 118 5.42 -24.72 -8.93
CA TRP B 118 6.35 -24.45 -10.02
C TRP B 118 7.36 -23.36 -9.68
N ARG B 119 8.47 -23.34 -10.43
CA ARG B 119 9.50 -22.31 -10.25
C ARG B 119 9.66 -21.47 -11.49
N PHE B 120 10.15 -20.24 -11.31
CA PHE B 120 10.56 -19.41 -12.42
C PHE B 120 11.84 -19.98 -13.03
N VAL B 121 12.01 -19.85 -14.34
CA VAL B 121 13.22 -20.31 -14.99
C VAL B 121 13.80 -19.21 -15.88
N ALA B 122 15.13 -19.13 -15.93
CA ALA B 122 15.81 -18.12 -16.74
C ALA B 122 15.64 -18.43 -18.22
N GLU B 123 15.19 -17.45 -18.97
CA GLU B 123 15.04 -17.61 -20.41
C GLU B 123 16.41 -17.79 -21.09
N PRO B 124 16.59 -18.93 -21.80
CA PRO B 124 17.85 -19.24 -22.49
C PRO B 124 18.57 -18.00 -23.04
N GLY B 125 17.98 -17.37 -24.06
CA GLY B 125 18.60 -16.26 -24.80
C GLY B 125 18.73 -14.93 -24.06
N SER B 126 17.61 -14.40 -23.58
CA SER B 126 17.57 -13.08 -22.93
C SER B 126 18.11 -13.07 -21.49
N GLY B 127 17.39 -13.70 -20.55
CA GLY B 127 17.85 -13.79 -19.17
C GLY B 127 16.78 -13.82 -18.11
N GLU B 128 15.74 -13.00 -18.27
CA GLU B 128 14.71 -12.84 -17.20
C GLU B 128 13.58 -13.90 -17.21
N LEU B 129 12.92 -14.03 -16.07
CA LEU B 129 12.23 -15.26 -15.69
C LEU B 129 10.76 -15.30 -16.06
N ASN B 130 10.35 -16.43 -16.64
CA ASN B 130 8.94 -16.76 -16.82
C ASN B 130 8.63 -17.98 -15.98
N PRO B 131 7.34 -18.20 -15.64
CA PRO B 131 6.93 -19.40 -14.90
C PRO B 131 7.32 -20.69 -15.63
N GLY B 132 7.85 -21.67 -14.90
CA GLY B 132 8.31 -22.91 -15.53
C GLY B 132 7.46 -24.10 -15.12
N PRO B 133 7.95 -25.33 -15.37
CA PRO B 133 7.21 -26.54 -15.07
C PRO B 133 7.12 -26.80 -13.56
N ALA B 134 6.11 -27.56 -13.15
CA ALA B 134 5.97 -27.97 -11.75
C ALA B 134 7.06 -28.97 -11.38
N THR B 135 7.71 -28.72 -10.24
CA THR B 135 8.80 -29.56 -9.78
C THR B 135 8.31 -30.69 -8.87
N ARG B 136 7.11 -30.53 -8.33
CA ARG B 136 6.60 -31.50 -7.37
C ARG B 136 5.09 -31.57 -7.43
N LEU B 137 4.52 -32.69 -7.00
CA LEU B 137 3.08 -32.76 -6.83
C LEU B 137 2.75 -32.51 -5.38
N VAL B 138 1.60 -31.91 -5.14
CA VAL B 138 1.08 -31.83 -3.79
C VAL B 138 -0.29 -32.48 -3.74
N PHE B 139 -0.45 -33.38 -2.78
CA PHE B 139 -1.75 -33.95 -2.51
C PHE B 139 -2.24 -33.31 -1.23
N ASP B 140 -3.36 -32.62 -1.34
CA ASP B 140 -3.91 -31.82 -0.26
C ASP B 140 -5.06 -32.56 0.39
N LEU B 141 -4.78 -33.23 1.49
CA LEU B 141 -5.78 -34.06 2.15
C LEU B 141 -6.62 -33.26 3.17
N ASP B 142 -7.92 -33.20 2.92
CA ASP B 142 -8.84 -32.40 3.73
C ASP B 142 -9.91 -33.31 4.29
N PRO B 143 -9.86 -33.54 5.61
CA PRO B 143 -10.76 -34.46 6.32
C PRO B 143 -12.20 -33.93 6.36
N GLY B 144 -13.18 -34.82 6.33
CA GLY B 144 -14.57 -34.42 6.47
C GLY B 144 -14.97 -34.25 7.92
N GLU B 145 -16.26 -33.95 8.13
CA GLU B 145 -16.86 -33.89 9.47
C GLU B 145 -16.68 -35.23 10.16
N GLY B 146 -16.21 -35.17 11.41
CA GLY B 146 -16.01 -36.37 12.25
C GLY B 146 -15.09 -37.40 11.62
N VAL B 147 -14.08 -36.93 10.89
CA VAL B 147 -13.12 -37.82 10.23
C VAL B 147 -11.93 -38.14 11.14
N MET B 148 -11.88 -39.41 11.52
CA MET B 148 -10.87 -39.95 12.41
C MET B 148 -9.46 -39.80 11.83
N MET B 149 -8.52 -39.42 12.70
CA MET B 149 -7.10 -39.26 12.34
C MET B 149 -6.43 -40.57 11.86
N ALA B 150 -6.73 -41.67 12.52
CA ALA B 150 -6.26 -42.99 12.12
C ALA B 150 -6.55 -43.22 10.64
N GLN B 151 -7.63 -42.61 10.16
CA GLN B 151 -8.16 -42.81 8.83
C GLN B 151 -7.58 -41.81 7.82
N LEU B 152 -7.33 -40.58 8.28
CA LEU B 152 -6.64 -39.59 7.44
C LEU B 152 -5.27 -40.09 6.98
N ALA B 153 -4.58 -40.83 7.85
CA ALA B 153 -3.26 -41.41 7.57
C ALA B 153 -3.39 -42.68 6.74
N GLU B 154 -4.36 -43.51 7.10
CA GLU B 154 -4.77 -44.68 6.31
C GLU B 154 -4.73 -44.32 4.82
N VAL B 155 -5.37 -43.19 4.49
CA VAL B 155 -5.41 -42.63 3.14
C VAL B 155 -4.04 -42.15 2.67
N ALA B 156 -3.36 -41.33 3.48
CA ALA B 156 -2.00 -40.87 3.13
C ALA B 156 -1.09 -42.03 2.76
N ARG B 157 -1.21 -43.15 3.48
CA ARG B 157 -0.41 -44.34 3.19
C ARG B 157 -0.80 -44.95 1.86
N ALA B 158 -2.11 -44.98 1.59
CA ALA B 158 -2.63 -45.46 0.33
C ALA B 158 -2.14 -44.62 -0.84
N VAL B 159 -2.00 -43.30 -0.64
CA VAL B 159 -1.44 -42.43 -1.66
C VAL B 159 0.03 -42.75 -1.90
N ARG B 160 0.77 -42.98 -0.83
CA ARG B 160 2.22 -43.26 -0.92
C ARG B 160 2.49 -44.51 -1.73
N ASP B 161 1.70 -45.54 -1.46
CA ASP B 161 1.84 -46.85 -2.10
C ASP B 161 1.45 -46.82 -3.57
N LEU B 162 0.50 -45.95 -3.91
CA LEU B 162 0.14 -45.72 -5.31
C LEU B 162 1.23 -45.00 -6.09
N LEU B 163 1.93 -44.08 -5.43
CA LEU B 163 2.98 -43.31 -6.09
C LEU B 163 4.30 -44.08 -6.23
N ALA B 164 4.62 -44.90 -5.22
CA ALA B 164 5.83 -45.72 -5.24
C ALA B 164 5.73 -46.76 -6.37
N ASP B 165 4.51 -47.15 -6.70
CA ASP B 165 4.24 -47.98 -7.90
C ASP B 165 4.42 -47.20 -9.19
N ILE B 166 5.13 -46.08 -9.11
CA ILE B 166 5.66 -45.35 -10.27
C ILE B 166 7.02 -44.75 -9.88
N GLY B 167 7.67 -45.35 -8.89
CA GLY B 167 9.02 -44.98 -8.46
C GLY B 167 9.14 -43.57 -7.90
N LEU B 168 8.03 -43.04 -7.38
CA LEU B 168 7.96 -41.69 -6.84
C LEU B 168 7.89 -41.71 -5.32
N VAL B 169 8.69 -40.87 -4.67
CA VAL B 169 8.72 -40.83 -3.19
C VAL B 169 7.72 -39.81 -2.63
N THR B 170 7.23 -40.03 -1.41
CA THR B 170 6.23 -39.10 -0.82
C THR B 170 6.56 -38.68 0.60
N PHE B 171 6.40 -37.39 0.85
CA PHE B 171 6.70 -36.76 2.13
C PHE B 171 5.47 -36.15 2.80
N PRO B 172 5.14 -36.61 4.01
CA PRO B 172 4.00 -35.99 4.66
C PRO B 172 4.37 -34.71 5.39
N VAL B 173 3.48 -33.72 5.31
CA VAL B 173 3.60 -32.46 6.02
C VAL B 173 2.22 -32.16 6.59
N THR B 174 2.10 -32.01 7.91
CA THR B 174 0.81 -31.53 8.45
C THR B 174 0.71 -30.04 8.17
N SER B 175 -0.50 -29.58 7.85
CA SER B 175 -0.70 -28.23 7.34
C SER B 175 -0.58 -27.13 8.41
N GLY B 176 -0.64 -27.51 9.68
CA GLY B 176 -0.71 -26.51 10.72
C GLY B 176 -2.16 -26.13 10.91
N SER B 177 -3.02 -26.73 10.12
CA SER B 177 -4.43 -26.37 10.17
C SER B 177 -5.32 -27.55 10.55
N LYS B 178 -6.05 -28.09 9.58
CA LYS B 178 -6.95 -29.19 9.89
C LYS B 178 -6.52 -30.52 9.30
N GLY B 179 -5.76 -30.49 8.21
CA GLY B 179 -5.47 -31.71 7.49
C GLY B 179 -4.00 -32.00 7.24
N LEU B 180 -3.73 -32.57 6.07
CA LEU B 180 -2.43 -33.15 5.81
C LEU B 180 -2.04 -32.95 4.34
N HIS B 181 -0.76 -32.63 4.11
CA HIS B 181 -0.28 -32.45 2.75
C HIS B 181 0.79 -33.45 2.41
N LEU B 182 0.75 -33.97 1.19
CA LEU B 182 1.74 -34.93 0.75
C LEU B 182 2.48 -34.35 -0.43
N TYR B 183 3.79 -34.23 -0.31
CA TYR B 183 4.59 -33.77 -1.44
C TYR B 183 5.37 -34.91 -2.09
N THR B 184 5.50 -34.83 -3.42
CA THR B 184 6.21 -35.83 -4.21
C THR B 184 7.15 -35.11 -5.14
N PRO B 185 8.46 -35.37 -5.05
CA PRO B 185 9.30 -34.74 -6.04
C PRO B 185 9.19 -35.45 -7.37
N LEU B 186 9.13 -34.66 -8.44
CA LEU B 186 9.22 -35.19 -9.79
C LEU B 186 10.64 -35.03 -10.26
N ASP B 187 11.36 -36.14 -10.42
CA ASP B 187 12.76 -36.07 -10.88
C ASP B 187 12.85 -35.31 -12.20
N GLU B 188 11.91 -35.60 -13.10
CA GLU B 188 11.79 -34.88 -14.37
C GLU B 188 10.55 -33.98 -14.36
N PRO B 189 10.74 -32.65 -14.32
CA PRO B 189 9.60 -31.74 -14.10
C PRO B 189 8.61 -31.78 -15.24
N VAL B 190 7.36 -31.50 -14.92
CA VAL B 190 6.25 -31.66 -15.85
C VAL B 190 5.26 -30.52 -15.62
N SER B 191 4.73 -29.94 -16.70
CA SER B 191 3.90 -28.74 -16.63
C SER B 191 2.74 -28.96 -15.66
N SER B 192 2.22 -27.88 -15.08
CA SER B 192 1.17 -27.99 -14.06
C SER B 192 -0.08 -28.70 -14.55
N ARG B 193 -0.45 -28.49 -15.82
CA ARG B 193 -1.58 -29.19 -16.37
C ARG B 193 -1.32 -30.70 -16.23
N GLY B 194 -0.11 -31.11 -16.61
CA GLY B 194 0.33 -32.49 -16.50
C GLY B 194 0.33 -32.99 -15.07
N ALA B 195 0.85 -32.16 -14.16
CA ALA B 195 0.80 -32.44 -12.75
C ALA B 195 -0.65 -32.65 -12.31
N THR B 196 -1.53 -31.69 -12.60
CA THR B 196 -2.98 -31.85 -12.31
C THR B 196 -3.54 -33.20 -12.84
N VAL B 197 -3.29 -33.49 -14.12
CA VAL B 197 -3.71 -34.75 -14.75
C VAL B 197 -3.32 -35.94 -13.88
N LEU B 198 -2.05 -35.97 -13.44
CA LEU B 198 -1.55 -37.11 -12.67
C LEU B 198 -2.19 -37.21 -11.30
N ALA B 199 -2.21 -36.08 -10.59
CA ALA B 199 -2.84 -36.04 -9.29
C ALA B 199 -4.29 -36.51 -9.40
N LYS B 200 -4.98 -36.01 -10.41
CA LYS B 200 -6.39 -36.32 -10.59
C LYS B 200 -6.57 -37.82 -10.76
N ARG B 201 -5.68 -38.46 -11.51
CA ARG B 201 -5.79 -39.91 -11.72
C ARG B 201 -5.48 -40.68 -10.43
N VAL B 202 -4.51 -40.20 -9.65
CA VAL B 202 -4.20 -40.82 -8.35
C VAL B 202 -5.41 -40.78 -7.43
N ALA B 203 -5.99 -39.58 -7.28
CA ALA B 203 -7.18 -39.37 -6.45
C ALA B 203 -8.32 -40.29 -6.84
N GLN B 204 -8.60 -40.35 -8.14
CA GLN B 204 -9.67 -41.19 -8.68
C GLN B 204 -9.40 -42.66 -8.48
N ARG B 205 -8.14 -43.08 -8.59
CA ARG B 205 -7.79 -44.49 -8.43
C ARG B 205 -7.92 -44.89 -6.96
N LEU B 206 -7.64 -43.95 -6.07
CA LEU B 206 -7.80 -44.18 -4.65
C LEU B 206 -9.27 -44.24 -4.27
N GLU B 207 -10.03 -43.22 -4.70
CA GLU B 207 -11.48 -43.16 -4.47
C GLU B 207 -12.16 -44.50 -4.75
N GLN B 208 -11.71 -45.13 -5.82
CA GLN B 208 -12.20 -46.42 -6.24
C GLN B 208 -11.69 -47.55 -5.34
N ALA B 209 -10.40 -47.49 -4.97
CA ALA B 209 -9.77 -48.55 -4.19
C ALA B 209 -10.27 -48.60 -2.73
N MET B 210 -10.77 -47.48 -2.22
CA MET B 210 -11.34 -47.46 -0.86
C MET B 210 -12.58 -46.57 -0.75
N PRO B 211 -13.71 -47.02 -1.33
CA PRO B 211 -14.91 -46.21 -1.54
C PRO B 211 -15.42 -45.48 -0.29
N ALA B 212 -15.33 -46.13 0.87
CA ALA B 212 -15.96 -45.63 2.09
C ALA B 212 -15.23 -44.43 2.74
N LEU B 213 -13.99 -44.17 2.34
CA LEU B 213 -13.20 -43.13 3.02
C LEU B 213 -12.68 -42.01 2.13
N VAL B 214 -12.69 -42.19 0.81
CA VAL B 214 -12.10 -41.17 -0.05
C VAL B 214 -13.06 -40.68 -1.10
N THR B 215 -13.02 -39.37 -1.34
CA THR B 215 -13.70 -38.74 -2.46
C THR B 215 -12.74 -37.86 -3.25
N SER B 216 -12.86 -37.90 -4.58
CA SER B 216 -12.03 -37.07 -5.46
C SER B 216 -12.78 -35.82 -5.88
N THR B 217 -14.10 -35.83 -5.66
CA THR B 217 -14.97 -34.76 -6.11
C THR B 217 -15.09 -33.64 -5.07
N MET B 218 -14.91 -32.42 -5.55
CA MET B 218 -14.94 -31.22 -4.71
C MET B 218 -16.37 -30.84 -4.40
N THR B 219 -16.65 -30.57 -3.15
CA THR B 219 -18.01 -30.26 -2.75
C THR B 219 -18.08 -28.93 -2.00
N LYS B 220 -19.15 -28.17 -2.26
CA LYS B 220 -19.32 -26.83 -1.65
C LYS B 220 -19.35 -26.87 -0.11
N SER B 221 -20.00 -27.89 0.44
CA SER B 221 -19.81 -28.29 1.84
C SER B 221 -19.20 -29.70 1.95
N LEU B 222 -17.94 -29.78 2.38
CA LEU B 222 -17.21 -31.07 2.43
C LEU B 222 -17.99 -32.28 3.00
N ARG B 223 -17.72 -33.48 2.46
CA ARG B 223 -18.51 -34.68 2.78
C ARG B 223 -18.13 -35.45 4.05
N ALA B 224 -19.11 -35.54 4.95
CA ALA B 224 -19.00 -36.29 6.21
C ALA B 224 -18.44 -37.71 6.06
N GLY B 225 -17.49 -38.06 6.93
CA GLY B 225 -16.94 -39.42 6.99
C GLY B 225 -15.91 -39.78 5.94
N LYS B 226 -15.76 -38.95 4.92
CA LYS B 226 -14.79 -39.18 3.85
C LYS B 226 -13.63 -38.21 3.94
N VAL B 227 -12.52 -38.59 3.33
CA VAL B 227 -11.36 -37.72 3.15
C VAL B 227 -11.43 -37.23 1.70
N PHE B 228 -11.32 -35.92 1.51
CA PHE B 228 -11.35 -35.37 0.16
C PHE B 228 -9.94 -35.17 -0.30
N VAL B 229 -9.56 -35.82 -1.40
CA VAL B 229 -8.25 -35.62 -1.95
C VAL B 229 -8.30 -34.45 -2.93
N ASP B 230 -7.68 -33.34 -2.55
CA ASP B 230 -7.68 -32.14 -3.38
C ASP B 230 -6.59 -32.13 -4.48
N TRP B 231 -6.95 -32.70 -5.63
CA TRP B 231 -6.02 -32.84 -6.72
C TRP B 231 -5.82 -31.56 -7.50
N SER B 232 -6.82 -30.70 -7.52
CA SER B 232 -6.72 -29.46 -8.31
C SER B 232 -5.80 -28.42 -7.68
N GLN B 233 -5.19 -28.73 -6.52
CA GLN B 233 -4.13 -27.89 -5.93
C GLN B 233 -2.86 -27.88 -6.78
N ASN B 234 -2.87 -28.67 -7.84
CA ASN B 234 -1.75 -28.73 -8.74
C ASN B 234 -1.93 -27.82 -9.93
N SER B 235 -3.07 -27.13 -9.95
CA SER B 235 -3.36 -26.15 -10.97
C SER B 235 -2.31 -25.08 -10.83
N GLY B 236 -1.63 -24.75 -11.94
CA GLY B 236 -0.53 -23.80 -11.88
C GLY B 236 -0.88 -22.43 -11.32
N SER B 237 -2.17 -22.16 -11.17
CA SER B 237 -2.60 -20.87 -10.71
C SER B 237 -2.97 -20.86 -9.22
N LYS B 238 -2.80 -22.00 -8.55
CA LYS B 238 -3.12 -22.11 -7.12
C LYS B 238 -1.86 -22.23 -6.27
N THR B 239 -1.97 -21.90 -4.99
CA THR B 239 -0.85 -22.00 -4.07
C THR B 239 -1.24 -22.87 -2.90
N THR B 240 -0.25 -23.51 -2.29
CA THR B 240 -0.45 -24.27 -1.06
C THR B 240 0.45 -23.64 -0.03
N ILE B 241 -0.04 -23.54 1.22
CA ILE B 241 0.79 -23.10 2.34
C ILE B 241 2.15 -23.79 2.30
N ALA B 242 3.20 -22.98 2.42
CA ALA B 242 4.58 -23.46 2.25
C ALA B 242 5.04 -24.30 3.42
N PRO B 243 5.95 -25.25 3.18
CA PRO B 243 6.48 -26.00 4.31
C PRO B 243 7.31 -25.12 5.22
N TYR B 244 7.02 -25.24 6.52
CA TYR B 244 7.67 -24.47 7.62
C TYR B 244 7.06 -23.09 7.81
N SER B 245 5.95 -22.81 7.14
CA SER B 245 5.24 -21.58 7.37
C SER B 245 4.42 -21.67 8.64
N LEU B 246 4.26 -20.54 9.32
CA LEU B 246 3.33 -20.43 10.44
C LEU B 246 1.92 -20.35 9.88
N ARG B 247 0.91 -20.62 10.70
CA ARG B 247 -0.46 -20.36 10.29
C ARG B 247 -1.01 -19.21 11.11
N GLY B 248 -2.03 -18.53 10.58
CA GLY B 248 -2.67 -17.45 11.30
C GLY B 248 -3.86 -17.94 12.08
N ARG B 249 -3.71 -19.09 12.75
CA ARG B 249 -4.79 -19.62 13.60
C ARG B 249 -4.61 -19.09 15.03
N THR B 250 -5.61 -19.27 15.89
CA THR B 250 -5.50 -18.73 17.25
C THR B 250 -4.19 -19.15 17.93
N HIS B 251 -3.70 -20.34 17.58
CA HIS B 251 -2.39 -20.85 18.06
C HIS B 251 -1.37 -20.86 16.92
N PRO B 252 -0.10 -20.48 17.20
CA PRO B 252 0.93 -20.38 16.17
C PRO B 252 1.45 -21.72 15.67
N THR B 253 0.56 -22.53 15.12
CA THR B 253 0.92 -23.83 14.53
C THR B 253 1.72 -23.66 13.24
N VAL B 254 2.31 -24.75 12.77
CA VAL B 254 3.17 -24.70 11.58
C VAL B 254 2.86 -25.81 10.56
N ALA B 255 2.94 -25.46 9.28
CA ALA B 255 2.93 -26.47 8.23
C ALA B 255 4.22 -27.29 8.36
N ALA B 256 4.13 -28.38 9.10
CA ALA B 256 5.30 -29.09 9.57
C ALA B 256 5.50 -30.46 8.91
N PRO B 257 6.68 -30.70 8.32
CA PRO B 257 7.00 -32.04 7.82
C PRO B 257 7.10 -33.08 8.94
N ARG B 258 6.57 -34.28 8.67
CA ARG B 258 6.56 -35.37 9.63
C ARG B 258 7.18 -36.63 9.03
N THR B 259 7.68 -37.52 9.87
CA THR B 259 8.14 -38.82 9.39
C THR B 259 6.93 -39.73 9.24
N TRP B 260 7.03 -40.72 8.36
CA TRP B 260 5.94 -41.66 8.18
C TRP B 260 5.51 -42.33 9.47
N ALA B 261 6.48 -42.82 10.25
CA ALA B 261 6.24 -43.39 11.57
C ALA B 261 5.27 -42.57 12.42
N GLU B 262 5.44 -41.25 12.43
CA GLU B 262 4.54 -40.35 13.13
C GLU B 262 3.07 -40.50 12.73
N LEU B 263 2.81 -40.76 11.45
CA LEU B 263 1.43 -40.87 10.99
C LEU B 263 0.68 -42.05 11.59
N ASP B 264 1.41 -42.99 12.20
CA ASP B 264 0.78 -44.15 12.82
C ASP B 264 0.17 -43.83 14.17
N ASP B 265 0.59 -42.72 14.74
CA ASP B 265 0.03 -42.17 15.96
C ASP B 265 -1.44 -41.74 15.73
N PRO B 266 -2.39 -42.40 16.42
CA PRO B 266 -3.78 -41.91 16.41
C PRO B 266 -3.93 -40.52 17.03
N ALA B 267 -3.18 -40.25 18.09
CA ALA B 267 -3.20 -38.94 18.75
C ALA B 267 -2.29 -37.94 18.03
N LEU B 268 -2.08 -38.15 16.73
CA LEU B 268 -1.32 -37.22 15.90
C LEU B 268 -2.03 -35.87 15.91
N ARG B 269 -1.23 -34.80 16.00
CA ARG B 269 -1.74 -33.44 16.07
C ARG B 269 -0.83 -32.47 15.35
N GLN B 270 -1.27 -31.21 15.24
CA GLN B 270 -0.46 -30.16 14.64
C GLN B 270 0.67 -29.71 15.57
N LEU B 271 1.75 -29.17 15.01
CA LEU B 271 2.90 -28.71 15.80
C LEU B 271 3.03 -27.18 15.89
N SER B 272 3.60 -26.71 17.00
CA SER B 272 3.80 -25.29 17.20
C SER B 272 5.21 -24.86 16.83
N TYR B 273 5.35 -23.57 16.49
CA TYR B 273 6.61 -23.02 16.00
C TYR B 273 7.81 -23.42 16.87
N ASP B 274 7.62 -23.35 18.18
CA ASP B 274 8.65 -23.72 19.16
C ASP B 274 9.03 -25.20 19.06
N GLU B 275 8.03 -26.05 18.82
CA GLU B 275 8.24 -27.49 18.73
C GLU B 275 8.97 -27.83 17.45
N VAL B 276 8.58 -27.18 16.35
CA VAL B 276 9.23 -27.38 15.07
C VAL B 276 10.70 -27.02 15.17
N LEU B 277 10.99 -25.85 15.72
CA LEU B 277 12.35 -25.44 16.02
C LEU B 277 13.13 -26.55 16.72
N THR B 278 12.56 -27.12 17.78
CA THR B 278 13.20 -28.24 18.49
C THR B 278 13.53 -29.38 17.54
N ARG B 279 12.55 -29.76 16.72
CA ARG B 279 12.70 -30.88 15.79
C ARG B 279 13.81 -30.66 14.78
N ILE B 280 13.81 -29.48 14.14
CA ILE B 280 14.82 -29.14 13.16
C ILE B 280 16.23 -29.39 13.68
N ALA B 281 16.50 -28.88 14.89
CA ALA B 281 17.80 -29.07 15.53
C ALA B 281 18.15 -30.55 15.50
N ARG B 282 17.25 -31.38 16.04
CA ARG B 282 17.41 -32.82 16.06
C ARG B 282 17.42 -33.38 14.62
N ASP B 283 16.31 -33.17 13.92
CA ASP B 283 16.06 -33.82 12.62
C ASP B 283 16.92 -33.36 11.44
N GLY B 284 17.03 -32.05 11.25
CA GLY B 284 17.50 -31.49 9.97
C GLY B 284 16.27 -31.34 9.11
N ASP B 285 16.47 -31.14 7.80
CA ASP B 285 15.33 -31.02 6.89
C ASP B 285 14.84 -32.39 6.43
N LEU B 286 13.75 -32.85 7.03
CA LEU B 286 13.11 -34.09 6.59
C LEU B 286 12.72 -34.05 5.11
N LEU B 287 12.47 -32.85 4.59
CA LEU B 287 12.15 -32.67 3.19
C LEU B 287 13.39 -32.39 2.34
N GLU B 288 14.56 -32.72 2.85
CA GLU B 288 15.82 -32.39 2.17
C GLU B 288 15.86 -32.80 0.70
N ARG B 289 15.38 -33.99 0.39
CA ARG B 289 15.43 -34.48 -0.99
C ARG B 289 14.27 -33.98 -1.84
N LEU B 290 13.37 -33.17 -1.29
CA LEU B 290 12.26 -32.65 -2.08
C LEU B 290 12.68 -31.65 -3.16
N ASP B 291 13.56 -30.70 -2.80
CA ASP B 291 13.99 -29.68 -3.73
C ASP B 291 15.53 -29.57 -3.73
N ALA B 292 16.17 -30.66 -4.16
CA ALA B 292 17.64 -30.83 -4.04
C ALA B 292 18.45 -29.99 -5.03
N ASP B 293 17.76 -29.07 -5.72
CA ASP B 293 18.37 -28.09 -6.63
C ASP B 293 17.73 -26.76 -6.25
N ALA B 294 18.46 -25.66 -6.39
CA ALA B 294 17.95 -24.40 -5.84
C ALA B 294 18.48 -23.08 -6.40
N PRO B 295 17.59 -22.08 -6.48
CA PRO B 295 17.97 -20.66 -6.49
C PRO B 295 18.22 -20.11 -5.07
PA UTP E . 2.30 26.02 6.96
O1A UTP E . 3.20 25.08 7.72
O2A UTP E . 2.41 27.50 7.18
O3A UTP E . 0.78 25.58 7.20
O5' UTP E . 2.42 25.82 5.36
PB UTP E . -0.41 26.12 6.27
O1B UTP E . -0.02 27.41 5.56
O2B UTP E . -0.97 24.98 5.47
O3B UTP E . -1.47 26.46 7.39
PG UTP E . -1.24 27.67 8.41
O1G UTP E . -2.19 28.72 7.89
O2G UTP E . -1.65 27.05 9.73
O3G UTP E . 0.22 28.10 8.35
C5' UTP E . 3.42 24.98 4.81
C4' UTP E . 2.84 24.21 3.63
O4' UTP E . 3.89 23.32 3.21
C1' UTP E . 3.49 21.95 3.33
C2' UTP E . 1.98 21.98 3.39
O2' UTP E . 1.51 21.83 2.05
C3' UTP E . 1.64 23.33 3.99
O3' UTP E . 0.42 23.84 3.45
N1 UTP E . 3.99 21.33 4.58
C6 UTP E . 4.17 22.06 5.69
C2 UTP E . 4.27 19.95 4.59
O2 UTP E . 4.11 19.28 3.54
N3 UTP E . 4.71 19.38 5.73
C4 UTP E . 4.89 20.10 6.86
O4 UTP E . 5.30 19.59 7.92
C5 UTP E . 4.63 21.46 6.86
MN MN F . 1.18 28.86 6.50
MN MN G . 4.86 27.86 6.50
PA UTP H . -7.06 -25.87 2.23
O1A UTP H . -8.46 -25.29 2.27
O2A UTP H . -6.88 -27.35 2.07
O3A UTP H . -6.26 -25.38 3.56
O5' UTP H . -6.27 -25.12 1.04
PB UTP H . -4.84 -25.95 4.07
O1B UTP H . -4.52 -27.26 3.37
O2B UTP H . -3.81 -24.85 4.05
O3B UTP H . -5.18 -26.28 5.60
PG UTP H . -6.26 -27.41 5.97
O1G UTP H . -5.45 -28.57 6.49
O2G UTP H . -7.12 -26.79 7.05
O3G UTP H . -7.04 -27.69 4.69
C5' UTP H . -4.94 -25.49 0.67
C4' UTP H . -4.20 -24.28 0.13
O4' UTP H . -4.92 -23.59 -0.92
C1' UTP H . -4.72 -22.18 -0.80
C2' UTP H . -3.78 -21.97 0.37
O2' UTP H . -2.44 -21.79 -0.12
C3' UTP H . -3.93 -23.23 1.19
O3' UTP H . -2.76 -23.56 1.97
N1 UTP H . -5.98 -21.44 -0.54
C6 UTP H . -7.05 -22.12 -0.08
C2 UTP H . -6.09 -20.03 -0.75
O2 UTP H . -5.12 -19.37 -1.18
N3 UTP H . -7.24 -19.41 -0.49
C4 UTP H . -8.31 -20.08 -0.03
O4 UTP H . -9.39 -19.49 0.22
C5 UTP H . -8.25 -21.45 0.18
MN MN I . -6.11 -28.71 2.95
MN MN J . -8.19 -28.14 -0.04
#